data_3PBM
#
_entry.id   3PBM
#
_cell.length_a   44.685
_cell.length_b   74.103
_cell.length_c   178.215
_cell.angle_alpha   90.00
_cell.angle_beta   90.00
_cell.angle_gamma   90.00
#
_symmetry.space_group_name_H-M   'P 21 21 21'
#
loop_
_entity.id
_entity.type
_entity.pdbx_description
1 polymer 'Adenosine deaminase'
2 non-polymer 'ZINC ION'
3 non-polymer 6-chloro-9H-purine
4 water water
#
_entity_poly.entity_id   1
_entity_poly.type   'polypeptide(L)'
_entity_poly.pdbx_seq_one_letter_code
;(MSE)SLYEWLNALPKAELHLHLEGTLEPELLFALAERNRIALPWNDVETLRKAYAFNNLQEFLDLYYAGADVLRTEQDF
YDLTWAYLQKCKAQNVVHVEPFFDPQTHTDRGIPFEVVLAGIRAALRDGEKLLGIRHGLILSFLRHLSEEQAQKTLDQAL
PFRDAFIAVGLDSSEVGHPPSKFQRVFDRARSEGFLTVAHAGEEGPPEYIWEALDLLKVERIDHGVRAFEDERL(MSE)R
RLIDEQIPLTVCPLSNTKLCVFDD(MSE)SQHTILD(MSE)LERGVKVTVNSDDPAYFGGYVTENFHALQQSLG(MSE)T
EEQARRLAQNSLDARLVKEGHHHHHH
;
_entity_poly.pdbx_strand_id   A,B
#
# COMPACT_ATOMS: atom_id res chain seq x y z
N TYR A 4 29.09 -4.92 24.14
CA TYR A 4 27.72 -5.26 23.72
C TYR A 4 26.73 -4.08 23.83
N GLU A 5 26.57 -3.50 25.02
CA GLU A 5 25.64 -2.39 25.19
C GLU A 5 25.97 -1.24 24.24
N TRP A 6 27.26 -1.08 23.95
CA TRP A 6 27.66 -0.11 22.94
C TRP A 6 27.18 -0.54 21.55
N LEU A 7 27.42 -1.81 21.20
CA LEU A 7 26.89 -2.37 19.96
C LEU A 7 25.36 -2.29 19.91
N ASN A 8 24.74 -2.41 21.06
CA ASN A 8 23.29 -2.44 21.09
C ASN A 8 22.73 -1.05 20.94
N ALA A 9 23.57 -0.07 21.24
CA ALA A 9 23.15 1.32 21.19
C ALA A 9 23.21 1.86 19.76
N LEU A 10 24.07 1.28 18.92
CA LEU A 10 24.13 1.71 17.52
C LEU A 10 22.74 1.74 16.92
N PRO A 11 22.46 2.75 16.10
CA PRO A 11 21.25 2.76 15.27
C PRO A 11 21.40 1.85 14.04
N LYS A 12 20.45 0.96 13.80
CA LYS A 12 20.55 0.04 12.65
C LYS A 12 19.27 -0.18 11.82
N ALA A 13 19.48 -0.79 10.66
CA ALA A 13 18.39 -1.25 9.81
C ALA A 13 18.52 -2.77 9.73
N GLU A 14 17.40 -3.48 9.82
CA GLU A 14 17.42 -4.89 9.54
C GLU A 14 16.72 -5.22 8.21
N LEU A 15 17.52 -5.65 7.23
CA LEU A 15 17.11 -5.86 5.84
C LEU A 15 16.99 -7.33 5.38
N HIS A 16 17.37 -8.25 6.26
CA HIS A 16 17.28 -9.67 5.95
C HIS A 16 16.79 -10.35 7.24
N LEU A 17 15.47 -10.48 7.36
CA LEU A 17 14.86 -11.03 8.57
C LEU A 17 13.55 -11.70 8.19
N HIS A 18 13.44 -12.99 8.46
CA HIS A 18 12.21 -13.74 8.18
C HIS A 18 11.29 -13.73 9.39
N LEU A 19 10.12 -13.13 9.26
CA LEU A 19 9.22 -13.02 10.40
C LEU A 19 8.95 -14.40 11.00
N GLU A 20 8.80 -15.41 10.14
CA GLU A 20 8.46 -16.74 10.64
C GLU A 20 9.60 -17.34 11.47
N GLY A 21 10.80 -16.77 11.31
CA GLY A 21 12.02 -17.22 11.99
C GLY A 21 12.33 -16.39 13.22
N THR A 22 11.40 -15.52 13.60
CA THR A 22 11.46 -14.83 14.88
C THR A 22 10.56 -15.57 15.87
N LEU A 23 10.08 -16.74 15.48
CA LEU A 23 9.13 -17.49 16.33
C LEU A 23 9.81 -18.19 17.50
N GLU A 24 9.78 -17.57 18.66
CA GLU A 24 10.47 -18.13 19.83
C GLU A 24 9.73 -19.36 20.31
N PRO A 25 10.47 -20.35 20.81
CA PRO A 25 9.88 -21.56 21.41
C PRO A 25 8.77 -21.24 22.42
N GLU A 26 8.99 -20.22 23.24
CA GLU A 26 7.95 -19.80 24.16
C GLU A 26 6.68 -19.35 23.42
N LEU A 27 6.82 -18.52 22.40
CA LEU A 27 5.65 -18.05 21.68
C LEU A 27 4.96 -19.23 21.00
N LEU A 28 5.79 -20.11 20.44
CA LEU A 28 5.27 -21.24 19.71
C LEU A 28 4.32 -22.04 20.62
N PHE A 29 4.72 -22.30 21.86
CA PHE A 29 3.93 -23.11 22.78
C PHE A 29 2.62 -22.42 23.14
N ALA A 30 2.69 -21.10 23.24
CA ALA A 30 1.57 -20.27 23.64
C ALA A 30 0.53 -20.23 22.53
N LEU A 31 0.98 -19.99 21.30
CA LEU A 31 0.07 -19.99 20.17
C LEU A 31 -0.57 -21.38 19.99
N ALA A 32 0.22 -22.44 20.18
CA ALA A 32 -0.34 -23.78 20.18
C ALA A 32 -1.43 -23.92 21.25
N GLU A 33 -1.14 -23.52 22.47
CA GLU A 33 -2.16 -23.58 23.53
C GLU A 33 -3.42 -22.79 23.16
N ARG A 34 -3.24 -21.57 22.66
CA ARG A 34 -4.39 -20.74 22.26
C ARG A 34 -5.22 -21.38 21.17
N ASN A 35 -4.53 -21.97 20.19
CA ASN A 35 -5.17 -22.62 19.05
C ASN A 35 -5.52 -24.11 19.30
N ARG A 36 -5.23 -24.59 20.50
CA ARG A 36 -5.60 -25.95 20.95
C ARG A 36 -4.89 -27.05 20.20
N ILE A 37 -3.60 -26.87 19.95
CA ILE A 37 -2.82 -27.72 19.07
C ILE A 37 -1.87 -28.60 19.86
N ALA A 38 -1.98 -29.91 19.68
CA ALA A 38 -1.05 -30.85 20.30
C ALA A 38 0.28 -30.87 19.56
N LEU A 39 1.33 -30.36 20.19
CA LEU A 39 2.65 -30.33 19.56
C LEU A 39 3.40 -31.66 19.67
N PRO A 40 4.24 -31.95 18.65
CA PRO A 40 5.10 -33.12 18.71
C PRO A 40 6.00 -32.98 19.91
N TRP A 41 6.43 -31.75 20.17
CA TRP A 41 7.43 -31.49 21.21
C TRP A 41 6.86 -31.47 22.60
N ASN A 42 7.56 -32.11 23.51
CA ASN A 42 7.09 -32.32 24.85
C ASN A 42 7.10 -31.06 25.69
N ASP A 43 8.10 -30.22 25.47
CA ASP A 43 8.23 -28.94 26.16
C ASP A 43 9.10 -27.93 25.39
N VAL A 44 9.21 -26.72 25.92
CA VAL A 44 9.94 -25.67 25.23
C VAL A 44 11.36 -26.12 25.07
N GLU A 45 11.84 -26.83 26.09
CA GLU A 45 13.24 -27.18 26.16
C GLU A 45 13.61 -28.23 25.13
N THR A 46 12.70 -29.18 24.93
CA THR A 46 12.86 -30.21 23.90
C THR A 46 12.84 -29.60 22.48
N LEU A 47 11.90 -28.71 22.22
CA LEU A 47 11.94 -27.96 20.97
C LEU A 47 13.23 -27.16 20.83
N ARG A 48 13.66 -26.48 21.89
CA ARG A 48 14.88 -25.68 21.82
C ARG A 48 16.11 -26.54 21.51
N LYS A 49 16.19 -27.71 22.14
CA LYS A 49 17.26 -28.66 21.86
C LYS A 49 17.28 -29.08 20.39
N ALA A 50 16.10 -29.16 19.76
CA ALA A 50 16.00 -29.47 18.31
C ALA A 50 16.60 -28.44 17.35
N TYR A 51 17.14 -27.34 17.85
CA TYR A 51 17.74 -26.36 16.96
C TYR A 51 19.21 -26.63 16.71
N ALA A 52 19.49 -27.85 16.26
CA ALA A 52 20.85 -28.24 15.88
C ALA A 52 20.86 -28.59 14.40
N PHE A 53 21.66 -27.90 13.60
CA PHE A 53 21.60 -28.09 12.16
C PHE A 53 22.95 -28.40 11.51
N ASN A 54 22.87 -29.20 10.45
CA ASN A 54 24.05 -29.60 9.67
C ASN A 54 24.02 -28.89 8.33
N ASN A 55 22.89 -28.26 8.03
CA ASN A 55 22.72 -27.53 6.79
C ASN A 55 21.41 -26.74 6.73
N LEU A 56 21.20 -26.09 5.59
CA LEU A 56 20.00 -25.31 5.33
C LEU A 56 18.72 -26.14 5.44
N GLN A 57 18.72 -27.32 4.86
CA GLN A 57 17.47 -28.06 4.74
C GLN A 57 16.96 -28.47 6.11
N GLU A 58 17.84 -29.01 6.95
CA GLU A 58 17.43 -29.48 8.27
C GLU A 58 16.77 -28.38 9.07
N PHE A 59 17.32 -27.18 8.96
CA PHE A 59 16.67 -26.01 9.54
C PHE A 59 15.30 -25.80 8.91
N LEU A 60 15.27 -25.70 7.58
CA LEU A 60 14.04 -25.47 6.85
C LEU A 60 12.93 -26.44 7.30
N ASP A 61 13.20 -27.74 7.24
CA ASP A 61 12.17 -28.72 7.60
C ASP A 61 11.53 -28.36 8.94
N LEU A 62 12.36 -27.93 9.88
CA LEU A 62 11.90 -27.53 11.22
C LEU A 62 11.08 -26.25 11.18
N TYR A 63 11.69 -25.23 10.57
CA TYR A 63 11.15 -23.89 10.39
C TYR A 63 9.73 -23.87 9.81
N TYR A 64 9.47 -24.74 8.85
CA TYR A 64 8.13 -24.90 8.28
C TYR A 64 7.19 -25.64 9.22
N ALA A 65 7.71 -26.64 9.93
CA ALA A 65 6.90 -27.36 10.91
C ALA A 65 6.36 -26.40 11.96
N GLY A 66 7.17 -25.41 12.32
CA GLY A 66 6.79 -24.47 13.36
C GLY A 66 5.64 -23.57 12.96
N ALA A 67 5.44 -23.39 11.65
CA ALA A 67 4.44 -22.48 11.13
C ALA A 67 3.00 -22.93 11.39
N ASP A 68 2.85 -24.16 11.88
CA ASP A 68 1.52 -24.71 12.16
C ASP A 68 0.72 -23.86 13.14
N VAL A 69 1.39 -23.35 14.16
CA VAL A 69 0.70 -22.60 15.20
C VAL A 69 0.20 -21.22 14.72
N LEU A 70 0.64 -20.83 13.52
CA LEU A 70 0.22 -19.54 12.94
C LEU A 70 -1.08 -19.70 12.20
N ARG A 71 -2.15 -19.13 12.74
CA ARG A 71 -3.47 -19.48 12.23
C ARG A 71 -4.49 -18.37 12.18
N THR A 72 -4.26 -17.33 12.95
CA THR A 72 -5.26 -16.29 13.05
C THR A 72 -4.54 -14.98 12.88
N GLU A 73 -5.28 -13.95 12.47
CA GLU A 73 -4.74 -12.62 12.44
C GLU A 73 -4.03 -12.32 13.75
N GLN A 74 -4.67 -12.55 14.88
CA GLN A 74 -3.97 -12.30 16.15
C GLN A 74 -2.63 -13.08 16.30
N ASP A 75 -2.56 -14.31 15.81
CA ASP A 75 -1.27 -15.01 15.75
C ASP A 75 -0.19 -14.23 14.98
N PHE A 76 -0.53 -13.80 13.76
CA PHE A 76 0.42 -13.04 12.96
C PHE A 76 0.70 -11.67 13.54
N TYR A 77 -0.25 -11.12 14.31
CA TYR A 77 0.04 -9.90 15.02
C TYR A 77 1.07 -10.19 16.12
N ASP A 78 0.80 -11.22 16.91
CA ASP A 78 1.69 -11.49 18.04
C ASP A 78 3.12 -11.71 17.61
N LEU A 79 3.28 -12.51 16.57
CA LEU A 79 4.60 -12.83 16.05
C LEU A 79 5.35 -11.56 15.61
N THR A 80 4.67 -10.68 14.86
CA THR A 80 5.33 -9.52 14.29
C THR A 80 5.62 -8.52 15.37
N TRP A 81 4.68 -8.37 16.29
CA TRP A 81 4.81 -7.34 17.32
C TRP A 81 5.95 -7.69 18.32
N ALA A 82 6.02 -8.96 18.69
CA ALA A 82 7.13 -9.47 19.50
C ALA A 82 8.50 -9.11 18.90
N TYR A 83 8.65 -9.25 17.59
CA TYR A 83 9.89 -8.87 16.93
C TYR A 83 10.06 -7.36 16.88
N LEU A 84 9.04 -6.62 16.51
CA LEU A 84 9.17 -5.17 16.60
C LEU A 84 9.64 -4.77 18.02
N GLN A 85 9.22 -5.48 19.07
CA GLN A 85 9.73 -5.15 20.40
C GLN A 85 11.23 -5.38 20.60
N LYS A 86 11.73 -6.48 20.04
CA LYS A 86 13.16 -6.74 20.07
C LYS A 86 13.86 -5.62 19.34
N CYS A 87 13.29 -5.20 18.20
CA CYS A 87 13.87 -4.09 17.43
C CYS A 87 14.05 -2.84 18.31
N LYS A 88 12.97 -2.44 18.99
CA LYS A 88 13.04 -1.38 19.98
C LYS A 88 14.17 -1.59 20.99
N ALA A 89 14.28 -2.80 21.55
CA ALA A 89 15.32 -3.01 22.57
C ALA A 89 16.71 -2.80 21.99
N GLN A 90 16.90 -3.19 20.72
CA GLN A 90 18.24 -3.20 20.11
C GLN A 90 18.46 -2.03 19.17
N ASN A 91 17.58 -1.05 19.27
CA ASN A 91 17.64 0.13 18.43
C ASN A 91 17.77 -0.06 16.92
N VAL A 92 17.07 -1.06 16.41
CA VAL A 92 16.78 -1.16 14.98
C VAL A 92 15.69 -0.15 14.72
N VAL A 93 15.99 0.89 13.96
CA VAL A 93 15.03 1.96 13.75
C VAL A 93 14.23 1.75 12.45
N HIS A 94 14.57 0.69 11.72
CA HIS A 94 14.04 0.45 10.39
C HIS A 94 14.06 -1.06 10.07
N VAL A 95 12.99 -1.56 9.47
CA VAL A 95 12.93 -2.96 9.10
C VAL A 95 12.39 -3.17 7.69
N GLU A 96 12.99 -4.11 6.98
CA GLU A 96 12.48 -4.55 5.69
C GLU A 96 12.44 -6.06 5.74
N PRO A 97 11.42 -6.61 6.40
CA PRO A 97 11.36 -8.03 6.75
C PRO A 97 10.73 -8.86 5.65
N PHE A 98 11.07 -10.14 5.64
CA PHE A 98 10.39 -11.13 4.80
C PHE A 98 9.19 -11.79 5.47
N PHE A 99 8.24 -12.22 4.66
CA PHE A 99 7.37 -13.32 5.05
C PHE A 99 7.19 -14.29 3.88
N ASP A 100 6.74 -15.51 4.21
CA ASP A 100 6.52 -16.57 3.23
C ASP A 100 5.04 -16.93 3.08
N PRO A 101 4.27 -16.10 2.35
CA PRO A 101 2.83 -16.32 2.16
C PRO A 101 2.43 -17.79 1.94
N GLN A 102 3.16 -18.52 1.11
CA GLN A 102 2.75 -19.88 0.72
C GLN A 102 2.78 -20.88 1.89
N THR A 103 3.78 -20.74 2.76
CA THR A 103 3.82 -21.54 3.96
C THR A 103 2.47 -21.55 4.65
N HIS A 104 1.80 -20.40 4.62
CA HIS A 104 0.51 -20.23 5.29
C HIS A 104 -0.72 -20.47 4.41
N THR A 105 -0.71 -19.94 3.21
CA THR A 105 -1.86 -20.08 2.34
C THR A 105 -2.04 -21.54 1.92
N ASP A 106 -0.93 -22.25 1.75
CA ASP A 106 -0.96 -23.67 1.39
C ASP A 106 -1.54 -24.52 2.54
N ARG A 107 -1.57 -23.93 3.76
CA ARG A 107 -2.15 -24.59 4.94
C ARG A 107 -3.59 -24.17 5.17
N GLY A 108 -4.16 -23.39 4.22
CA GLY A 108 -5.55 -22.99 4.32
C GLY A 108 -5.79 -21.58 4.85
N ILE A 109 -4.76 -20.95 5.43
CA ILE A 109 -4.95 -19.60 5.97
C ILE A 109 -5.08 -18.59 4.85
N PRO A 110 -6.12 -17.75 4.93
CA PRO A 110 -6.39 -16.77 3.87
C PRO A 110 -5.28 -15.71 3.82
N PHE A 111 -4.90 -15.34 2.61
CA PHE A 111 -3.80 -14.44 2.39
C PHE A 111 -4.08 -13.17 3.18
N GLU A 112 -5.33 -12.74 3.15
CA GLU A 112 -5.69 -11.49 3.78
C GLU A 112 -5.50 -11.52 5.29
N VAL A 113 -5.66 -12.69 5.91
CA VAL A 113 -5.47 -12.84 7.36
C VAL A 113 -4.00 -12.64 7.74
N VAL A 114 -3.14 -13.35 7.06
CA VAL A 114 -1.69 -13.21 7.24
C VAL A 114 -1.28 -11.72 7.20
N LEU A 115 -1.65 -11.04 6.12
CA LEU A 115 -1.33 -9.64 5.89
C LEU A 115 -1.92 -8.69 6.94
N ALA A 116 -3.17 -8.92 7.31
CA ALA A 116 -3.82 -8.09 8.31
C ALA A 116 -2.99 -8.02 9.61
N GLY A 117 -2.56 -9.19 10.11
CA GLY A 117 -1.92 -9.26 11.41
C GLY A 117 -0.54 -8.62 11.40
N ILE A 118 0.23 -8.92 10.35
CA ILE A 118 1.54 -8.30 10.12
C ILE A 118 1.45 -6.78 9.91
N ARG A 119 0.56 -6.36 9.03
CA ARG A 119 0.35 -4.94 8.76
C ARG A 119 0.02 -4.19 10.05
N ALA A 120 -1.00 -4.66 10.78
CA ALA A 120 -1.33 -4.13 12.10
C ALA A 120 -0.09 -3.94 12.99
N ALA A 121 0.63 -5.02 13.28
CA ALA A 121 1.89 -4.92 14.00
C ALA A 121 2.80 -3.80 13.46
N LEU A 122 2.96 -3.73 12.14
CA LEU A 122 3.88 -2.75 11.54
C LEU A 122 3.42 -1.33 11.77
N ARG A 123 2.12 -1.13 11.82
CA ARG A 123 1.54 0.17 12.11
C ARG A 123 1.82 0.56 13.53
N ASP A 124 1.67 -0.41 14.43
CA ASP A 124 2.04 -0.19 15.82
C ASP A 124 3.53 0.13 15.92
N GLY A 125 4.36 -0.64 15.23
CA GLY A 125 5.79 -0.37 15.14
C GLY A 125 6.16 1.06 14.79
N GLU A 126 5.50 1.65 13.80
CA GLU A 126 5.88 2.99 13.40
C GLU A 126 5.23 4.08 14.26
N LYS A 127 3.95 3.92 14.58
CA LYS A 127 3.33 4.96 15.38
C LYS A 127 3.78 4.96 16.87
N LEU A 128 4.08 3.80 17.44
CA LEU A 128 4.47 3.76 18.86
C LEU A 128 5.98 3.62 19.07
N LEU A 129 6.64 2.90 18.18
CA LEU A 129 8.04 2.57 18.36
C LEU A 129 8.98 3.44 17.52
N GLY A 130 8.43 4.11 16.50
CA GLY A 130 9.22 4.91 15.57
C GLY A 130 10.04 4.07 14.60
N ILE A 131 9.51 2.91 14.24
CA ILE A 131 10.20 1.99 13.34
C ILE A 131 9.58 2.01 11.93
N ARG A 132 10.38 2.42 10.96
CA ARG A 132 9.92 2.41 9.59
C ARG A 132 10.08 1.00 9.05
N HIS A 133 9.22 0.62 8.12
CA HIS A 133 9.17 -0.75 7.66
C HIS A 133 9.00 -0.78 6.15
N GLY A 134 9.49 -1.85 5.53
CA GLY A 134 9.23 -2.09 4.14
C GLY A 134 9.04 -3.57 3.99
N LEU A 135 7.79 -4.00 3.95
CA LEU A 135 7.50 -5.43 3.90
C LEU A 135 7.98 -6.07 2.60
N ILE A 136 8.64 -7.22 2.69
CA ILE A 136 9.04 -7.95 1.48
C ILE A 136 8.34 -9.30 1.40
N LEU A 137 7.71 -9.57 0.27
CA LEU A 137 7.02 -10.84 0.05
C LEU A 137 7.96 -11.84 -0.62
N SER A 138 8.24 -12.93 0.06
CA SER A 138 9.18 -13.93 -0.43
C SER A 138 8.48 -15.13 -1.09
N PHE A 139 9.03 -15.60 -2.20
CA PHE A 139 8.52 -16.81 -2.82
C PHE A 139 9.30 -18.01 -2.33
N LEU A 140 8.59 -19.12 -2.18
CA LEU A 140 9.22 -20.38 -1.80
C LEU A 140 9.79 -21.01 -3.06
N ARG A 141 11.12 -21.06 -3.12
CA ARG A 141 11.82 -21.46 -4.34
C ARG A 141 11.84 -22.96 -4.64
N HIS A 142 11.65 -23.81 -3.62
CA HIS A 142 11.57 -25.25 -3.88
C HIS A 142 10.27 -25.58 -4.61
N LEU A 143 9.31 -24.65 -4.60
CA LEU A 143 8.00 -24.89 -5.25
C LEU A 143 7.99 -24.29 -6.65
N SER A 144 6.92 -24.48 -7.42
CA SER A 144 6.98 -24.10 -8.82
C SER A 144 6.83 -22.60 -9.03
N GLU A 145 7.27 -22.15 -10.21
CA GLU A 145 7.04 -20.79 -10.63
C GLU A 145 5.54 -20.59 -10.77
N GLU A 146 4.84 -21.64 -11.19
CA GLU A 146 3.38 -21.60 -11.32
C GLU A 146 2.81 -21.15 -9.99
N GLN A 147 3.16 -21.87 -8.93
CA GLN A 147 2.69 -21.57 -7.58
C GLN A 147 3.00 -20.14 -7.13
N ALA A 148 4.22 -19.69 -7.40
CA ALA A 148 4.60 -18.28 -7.23
C ALA A 148 3.70 -17.31 -8.00
N GLN A 149 3.46 -17.58 -9.29
CA GLN A 149 2.56 -16.76 -10.08
C GLN A 149 1.21 -16.65 -9.38
N LYS A 150 0.67 -17.79 -8.96
CA LYS A 150 -0.61 -17.79 -8.26
C LYS A 150 -0.57 -16.90 -7.02
N THR A 151 0.58 -16.90 -6.35
CA THR A 151 0.80 -16.06 -5.17
C THR A 151 0.88 -14.57 -5.52
N LEU A 152 1.66 -14.24 -6.55
CA LEU A 152 1.71 -12.89 -7.06
C LEU A 152 0.28 -12.36 -7.42
N ASP A 153 -0.54 -13.22 -8.01
CA ASP A 153 -1.92 -12.84 -8.29
C ASP A 153 -2.70 -12.47 -7.04
N GLN A 154 -2.47 -13.20 -5.94
CA GLN A 154 -3.11 -12.88 -4.67
C GLN A 154 -2.65 -11.54 -4.14
N ALA A 155 -1.37 -11.25 -4.35
CA ALA A 155 -0.73 -10.03 -3.88
C ALA A 155 -1.07 -8.78 -4.70
N LEU A 156 -1.52 -8.94 -5.94
CA LEU A 156 -1.75 -7.77 -6.80
C LEU A 156 -2.64 -6.66 -6.19
N PRO A 157 -3.81 -7.02 -5.64
CA PRO A 157 -4.62 -6.02 -4.95
C PRO A 157 -3.89 -5.35 -3.76
N PHE A 158 -2.98 -6.10 -3.14
CA PHE A 158 -2.26 -5.63 -1.96
C PHE A 158 -0.92 -4.95 -2.31
N ARG A 159 -0.60 -4.84 -3.60
CA ARG A 159 0.79 -4.55 -4.00
C ARG A 159 1.45 -3.38 -3.23
N ASP A 160 0.67 -2.39 -2.83
CA ASP A 160 1.22 -1.28 -2.06
C ASP A 160 1.64 -1.65 -0.62
N ALA A 161 1.49 -2.92 -0.25
CA ALA A 161 1.89 -3.35 1.09
C ALA A 161 3.28 -3.91 1.07
N PHE A 162 3.86 -4.03 -0.11
CA PHE A 162 5.15 -4.71 -0.24
C PHE A 162 6.07 -3.85 -1.07
N ILE A 163 7.29 -3.65 -0.58
CA ILE A 163 8.29 -2.87 -1.30
C ILE A 163 9.07 -3.71 -2.32
N ALA A 164 9.04 -5.04 -2.13
CA ALA A 164 9.80 -5.95 -2.98
C ALA A 164 9.22 -7.36 -2.90
N VAL A 165 9.65 -8.20 -3.83
CA VAL A 165 9.46 -9.64 -3.74
C VAL A 165 10.83 -10.23 -3.46
N GLY A 166 10.84 -11.30 -2.67
CA GLY A 166 12.06 -11.98 -2.33
C GLY A 166 12.07 -13.40 -2.84
N LEU A 167 13.13 -14.12 -2.51
CA LEU A 167 13.27 -15.51 -2.92
C LEU A 167 14.07 -16.26 -1.85
N ASP A 168 13.39 -17.16 -1.13
CA ASP A 168 14.08 -18.00 -0.14
C ASP A 168 13.74 -19.48 -0.28
N SER A 169 14.27 -20.24 0.67
CA SER A 169 14.02 -21.67 0.79
C SER A 169 15.19 -22.40 0.15
N SER A 170 15.05 -23.71 -0.04
CA SER A 170 16.18 -24.56 -0.45
C SER A 170 16.85 -24.08 -1.74
N GLU A 171 18.03 -23.46 -1.61
CA GLU A 171 18.69 -22.75 -2.72
C GLU A 171 19.27 -23.67 -3.81
N VAL A 172 20.09 -24.63 -3.40
CA VAL A 172 20.75 -25.50 -4.35
C VAL A 172 19.78 -26.36 -5.15
N GLY A 173 19.88 -26.24 -6.47
CA GLY A 173 19.02 -26.99 -7.39
C GLY A 173 17.75 -26.25 -7.78
N HIS A 174 17.52 -25.10 -7.16
CA HIS A 174 16.45 -24.19 -7.58
C HIS A 174 17.01 -22.79 -7.91
N PRO A 175 17.62 -22.64 -9.09
CA PRO A 175 18.29 -21.37 -9.41
C PRO A 175 17.30 -20.22 -9.61
N PRO A 176 17.80 -18.98 -9.50
CA PRO A 176 16.97 -17.80 -9.75
C PRO A 176 16.25 -17.87 -11.10
N SER A 177 16.90 -18.42 -12.13
CA SER A 177 16.29 -18.52 -13.45
C SER A 177 14.93 -19.22 -13.41
N LYS A 178 14.78 -20.14 -12.46
CA LYS A 178 13.50 -20.83 -12.29
C LYS A 178 12.35 -19.83 -12.15
N PHE A 179 12.63 -18.63 -11.65
CA PHE A 179 11.57 -17.68 -11.29
C PHE A 179 11.67 -16.39 -12.06
N GLN A 180 12.33 -16.44 -13.20
CA GLN A 180 12.55 -15.21 -13.93
C GLN A 180 11.24 -14.59 -14.45
N ARG A 181 10.26 -15.41 -14.81
CA ARG A 181 9.03 -14.86 -15.38
C ARG A 181 8.21 -14.11 -14.34
N VAL A 182 8.00 -14.74 -13.19
CA VAL A 182 7.26 -14.11 -12.11
C VAL A 182 7.96 -12.84 -11.60
N PHE A 183 9.29 -12.90 -11.52
CA PHE A 183 10.06 -11.71 -11.13
C PHE A 183 9.93 -10.59 -12.15
N ASP A 184 10.12 -10.95 -13.43
CA ASP A 184 9.76 -10.07 -14.53
C ASP A 184 8.38 -9.46 -14.32
N ARG A 185 7.39 -10.31 -14.04
CA ARG A 185 6.03 -9.83 -13.92
C ARG A 185 5.86 -8.92 -12.72
N ALA A 186 6.53 -9.28 -11.63
CA ALA A 186 6.52 -8.52 -10.39
C ALA A 186 7.03 -7.12 -10.60
N ARG A 187 8.22 -7.00 -11.20
CA ARG A 187 8.81 -5.69 -11.47
C ARG A 187 7.85 -4.89 -12.33
N SER A 188 7.32 -5.53 -13.36
CA SER A 188 6.29 -4.95 -14.22
C SER A 188 5.09 -4.35 -13.45
N GLU A 189 4.60 -5.08 -12.45
CA GLU A 189 3.52 -4.60 -11.59
C GLU A 189 4.04 -3.61 -10.53
N GLY A 190 5.33 -3.31 -10.61
CA GLY A 190 5.93 -2.24 -9.81
C GLY A 190 6.59 -2.68 -8.53
N PHE A 191 6.93 -3.96 -8.41
CA PHE A 191 7.68 -4.42 -7.26
C PHE A 191 9.17 -4.20 -7.49
N LEU A 192 9.90 -3.84 -6.43
CA LEU A 192 11.34 -3.98 -6.46
C LEU A 192 11.65 -5.43 -6.18
N THR A 193 12.90 -5.85 -6.34
CA THR A 193 13.26 -7.25 -6.10
C THR A 193 14.55 -7.49 -5.32
N VAL A 194 14.59 -8.61 -4.60
CA VAL A 194 15.75 -9.07 -3.85
C VAL A 194 15.76 -10.60 -3.87
N ALA A 195 16.86 -11.22 -3.49
CA ALA A 195 16.92 -12.68 -3.51
C ALA A 195 18.03 -13.25 -2.64
N HIS A 196 17.76 -14.39 -2.01
CA HIS A 196 18.83 -15.20 -1.41
C HIS A 196 19.67 -15.74 -2.56
N ALA A 197 20.98 -15.52 -2.52
CA ALA A 197 21.87 -16.13 -3.47
C ALA A 197 23.28 -16.30 -2.90
N GLY A 198 23.81 -17.51 -3.02
CA GLY A 198 25.17 -17.82 -2.58
C GLY A 198 25.25 -18.01 -1.09
N GLU A 199 24.20 -18.60 -0.52
CA GLU A 199 24.24 -19.05 0.87
C GLU A 199 24.84 -20.44 0.81
N GLU A 200 24.06 -21.36 0.25
CA GLU A 200 24.54 -22.69 -0.07
C GLU A 200 24.88 -22.88 -1.56
N GLY A 201 24.24 -22.07 -2.41
CA GLY A 201 24.40 -22.21 -3.82
C GLY A 201 25.63 -21.47 -4.33
N PRO A 202 26.04 -21.75 -5.57
CA PRO A 202 27.26 -21.21 -6.16
C PRO A 202 27.10 -19.73 -6.53
N PRO A 203 28.24 -19.09 -6.78
CA PRO A 203 28.27 -17.70 -7.25
C PRO A 203 27.39 -17.56 -8.49
N GLU A 204 27.50 -18.51 -9.41
CA GLU A 204 26.60 -18.49 -10.57
C GLU A 204 25.18 -17.99 -10.25
N TYR A 205 24.61 -18.48 -9.15
CA TYR A 205 23.25 -18.11 -8.74
C TYR A 205 23.17 -16.62 -8.43
N ILE A 206 24.29 -16.05 -8.03
CA ILE A 206 24.33 -14.64 -7.68
C ILE A 206 24.37 -13.76 -8.92
N TRP A 207 25.02 -14.23 -9.99
CA TRP A 207 25.01 -13.49 -11.25
C TRP A 207 23.60 -13.55 -11.78
N GLU A 208 23.00 -14.73 -11.66
CA GLU A 208 21.62 -14.94 -12.09
C GLU A 208 20.66 -14.00 -11.34
N ALA A 209 20.87 -13.82 -10.04
CA ALA A 209 20.04 -12.90 -9.27
C ALA A 209 20.21 -11.46 -9.78
N LEU A 210 21.46 -11.07 -9.95
CA LEU A 210 21.76 -9.72 -10.40
C LEU A 210 21.19 -9.41 -11.79
N ASP A 211 21.37 -10.35 -12.71
CA ASP A 211 21.12 -10.09 -14.11
C ASP A 211 19.77 -10.56 -14.59
N LEU A 212 19.35 -11.74 -14.13
CA LEU A 212 18.04 -12.29 -14.48
C LEU A 212 16.93 -11.66 -13.67
N LEU A 213 17.05 -11.80 -12.35
CA LEU A 213 16.01 -11.35 -11.42
C LEU A 213 16.14 -9.88 -11.08
N LYS A 214 17.26 -9.27 -11.48
CA LYS A 214 17.50 -7.82 -11.35
C LYS A 214 17.32 -7.29 -9.92
N VAL A 215 17.76 -8.09 -8.96
CA VAL A 215 17.66 -7.73 -7.56
C VAL A 215 18.33 -6.38 -7.25
N GLU A 216 17.93 -5.76 -6.14
CA GLU A 216 18.51 -4.48 -5.66
C GLU A 216 19.49 -4.77 -4.54
N ARG A 217 19.40 -5.97 -3.98
CA ARG A 217 20.40 -6.43 -3.03
C ARG A 217 20.47 -7.95 -3.00
N ILE A 218 21.67 -8.48 -2.71
CA ILE A 218 21.88 -9.90 -2.56
C ILE A 218 21.78 -10.33 -1.10
N ASP A 219 20.82 -11.20 -0.82
CA ASP A 219 20.64 -11.76 0.51
C ASP A 219 21.64 -12.90 0.75
N HIS A 220 22.41 -12.76 1.83
CA HIS A 220 23.51 -13.66 2.14
C HIS A 220 24.68 -13.27 1.29
N GLY A 221 24.86 -13.97 0.17
CA GLY A 221 25.81 -13.58 -0.87
C GLY A 221 27.25 -13.94 -0.58
N VAL A 222 27.48 -14.61 0.54
CA VAL A 222 28.84 -14.89 1.00
C VAL A 222 29.71 -15.67 0.00
N ARG A 223 29.12 -16.62 -0.73
CA ARG A 223 29.88 -17.44 -1.66
C ARG A 223 30.43 -16.64 -2.84
N ALA A 224 30.17 -15.34 -2.83
CA ALA A 224 30.73 -14.44 -3.85
C ALA A 224 32.24 -14.37 -3.66
N PHE A 225 32.68 -14.75 -2.47
CA PHE A 225 34.07 -14.63 -2.09
C PHE A 225 34.94 -15.54 -2.93
N GLU A 226 34.31 -16.51 -3.58
CA GLU A 226 35.02 -17.47 -4.40
C GLU A 226 35.15 -16.96 -5.82
N ASP A 227 34.59 -15.80 -6.12
CA ASP A 227 34.54 -15.29 -7.49
C ASP A 227 35.00 -13.83 -7.60
N GLU A 228 36.27 -13.66 -7.99
CA GLU A 228 36.93 -12.34 -8.02
C GLU A 228 36.27 -11.35 -8.97
N ARG A 229 35.92 -11.82 -10.16
CA ARG A 229 35.17 -11.01 -11.10
C ARG A 229 33.89 -10.48 -10.45
N LEU A 230 33.23 -11.35 -9.66
CA LEU A 230 32.02 -10.97 -8.95
C LEU A 230 32.35 -9.94 -7.90
N ARG A 232 34.74 -7.89 -7.75
CA ARG A 232 35.04 -6.61 -8.35
C ARG A 232 33.77 -5.86 -8.77
N ARG A 233 32.75 -6.61 -9.18
CA ARG A 233 31.47 -6.03 -9.53
C ARG A 233 30.74 -5.52 -8.30
N LEU A 234 30.70 -6.32 -7.25
CA LEU A 234 30.04 -5.92 -6.00
C LEU A 234 30.61 -4.61 -5.54
N ILE A 235 31.94 -4.60 -5.45
CA ILE A 235 32.70 -3.48 -4.95
C ILE A 235 32.48 -2.25 -5.81
N ASP A 236 32.37 -2.48 -7.12
CA ASP A 236 32.19 -1.41 -8.08
C ASP A 236 30.76 -0.91 -8.09
N GLU A 237 29.79 -1.81 -8.07
CA GLU A 237 28.41 -1.35 -8.16
C GLU A 237 27.82 -1.02 -6.79
N GLN A 238 28.53 -1.35 -5.72
CA GLN A 238 28.06 -1.02 -4.39
C GLN A 238 26.66 -1.61 -4.20
N ILE A 239 26.49 -2.81 -4.74
CA ILE A 239 25.32 -3.62 -4.50
C ILE A 239 25.37 -4.17 -3.06
N PRO A 240 24.32 -3.89 -2.27
CA PRO A 240 24.33 -4.31 -0.86
C PRO A 240 24.27 -5.82 -0.71
N LEU A 241 24.97 -6.36 0.30
CA LEU A 241 24.79 -7.76 0.72
C LEU A 241 24.22 -7.83 2.15
N THR A 242 23.10 -8.52 2.32
CA THR A 242 22.56 -8.73 3.67
C THR A 242 23.11 -10.03 4.26
N VAL A 243 24.19 -9.89 5.01
CA VAL A 243 24.96 -11.04 5.50
C VAL A 243 24.40 -11.46 6.87
N CYS A 244 24.45 -12.76 7.15
CA CYS A 244 23.89 -13.24 8.41
C CYS A 244 24.89 -14.12 9.14
N PRO A 245 25.64 -13.52 10.08
CA PRO A 245 26.66 -14.27 10.80
C PRO A 245 26.16 -15.54 11.52
N LEU A 246 25.28 -15.41 12.51
CA LEU A 246 24.85 -16.59 13.26
C LEU A 246 24.22 -17.69 12.40
N SER A 247 23.40 -17.26 11.44
CA SER A 247 22.75 -18.16 10.51
C SER A 247 23.77 -19.06 9.78
N ASN A 248 24.84 -18.44 9.32
CA ASN A 248 25.87 -19.14 8.54
C ASN A 248 26.68 -20.15 9.38
N THR A 249 26.96 -19.76 10.63
CA THR A 249 27.57 -20.65 11.60
C THR A 249 26.64 -21.79 11.99
N LYS A 250 25.40 -21.45 12.32
CA LYS A 250 24.43 -22.49 12.66
C LYS A 250 24.17 -23.44 11.49
N LEU A 251 24.17 -22.91 10.28
CA LEU A 251 23.89 -23.73 9.12
C LEU A 251 25.14 -24.40 8.51
N CYS A 252 26.32 -24.10 9.05
CA CYS A 252 27.56 -24.78 8.66
C CYS A 252 28.12 -24.28 7.33
N VAL A 253 27.74 -23.07 6.96
CA VAL A 253 28.28 -22.42 5.79
C VAL A 253 29.74 -22.13 6.10
N PHE A 254 29.98 -21.83 7.38
CA PHE A 254 31.30 -21.68 7.92
C PHE A 254 31.41 -22.59 9.12
N ASP A 255 32.59 -23.18 9.33
CA ASP A 255 32.78 -24.13 10.42
C ASP A 255 32.98 -23.40 11.74
N ASP A 256 33.39 -22.14 11.64
CA ASP A 256 33.56 -21.32 12.83
C ASP A 256 33.37 -19.85 12.49
N SER A 258 35.27 -17.57 13.25
CA SER A 258 36.60 -17.06 12.93
C SER A 258 36.94 -17.25 11.45
N GLN A 259 36.18 -18.12 10.79
CA GLN A 259 36.33 -18.37 9.36
C GLN A 259 35.47 -17.41 8.52
N HIS A 260 34.61 -16.63 9.16
CA HIS A 260 33.64 -15.84 8.42
C HIS A 260 34.34 -14.66 7.76
N THR A 261 33.86 -14.33 6.56
CA THR A 261 34.57 -13.43 5.67
C THR A 261 33.94 -12.05 5.56
N ILE A 262 33.01 -11.73 6.46
CA ILE A 262 32.23 -10.50 6.27
C ILE A 262 33.08 -9.24 6.48
N LEU A 263 33.98 -9.30 7.45
CA LEU A 263 34.88 -8.20 7.69
C LEU A 263 35.80 -8.06 6.48
N ASP A 264 36.36 -9.19 6.05
CA ASP A 264 37.21 -9.21 4.87
C ASP A 264 36.61 -8.43 3.70
N LEU A 266 34.26 -6.32 3.91
CA LEU A 266 34.06 -4.93 4.31
C LEU A 266 35.32 -4.12 4.05
N GLU A 267 36.45 -4.63 4.53
CA GLU A 267 37.70 -3.96 4.27
C GLU A 267 37.98 -3.87 2.75
N ARG A 268 37.40 -4.78 1.96
CA ARG A 268 37.59 -4.74 0.50
C ARG A 268 36.70 -3.74 -0.23
N GLY A 269 35.70 -3.19 0.47
CA GLY A 269 34.80 -2.22 -0.11
C GLY A 269 33.42 -2.73 -0.47
N VAL A 270 33.15 -4.00 -0.15
CA VAL A 270 31.83 -4.58 -0.42
C VAL A 270 30.82 -3.98 0.58
N LYS A 271 29.63 -3.63 0.09
CA LYS A 271 28.65 -2.95 0.93
C LYS A 271 27.82 -3.93 1.76
N VAL A 272 28.50 -4.61 2.69
CA VAL A 272 27.88 -5.66 3.50
C VAL A 272 27.08 -5.10 4.65
N THR A 273 26.03 -5.82 5.06
CA THR A 273 25.27 -5.44 6.23
C THR A 273 25.14 -6.60 7.27
N VAL A 274 24.83 -6.26 8.52
CA VAL A 274 24.66 -7.26 9.56
C VAL A 274 23.17 -7.48 9.86
N ASN A 275 22.71 -8.72 9.73
CA ASN A 275 21.32 -9.09 9.90
C ASN A 275 21.26 -10.41 10.68
N SER A 276 20.14 -10.66 11.35
CA SER A 276 19.94 -11.87 12.18
C SER A 276 19.18 -13.01 11.50
N ASP A 277 18.53 -12.74 10.36
CA ASP A 277 17.97 -13.80 9.49
C ASP A 277 16.80 -14.65 10.04
N ASP A 278 17.13 -15.63 10.89
CA ASP A 278 16.14 -16.36 11.67
C ASP A 278 16.55 -16.44 13.16
N PRO A 279 16.39 -15.34 13.89
CA PRO A 279 16.88 -15.12 15.27
C PRO A 279 16.40 -16.14 16.30
N ALA A 280 15.18 -16.66 16.16
CA ALA A 280 14.67 -17.65 17.11
C ALA A 280 15.37 -19.00 16.91
N TYR A 281 15.96 -19.21 15.73
CA TYR A 281 16.56 -20.50 15.40
C TYR A 281 18.09 -20.42 15.44
N PHE A 282 18.63 -19.22 15.38
CA PHE A 282 20.06 -19.09 15.37
C PHE A 282 20.61 -18.52 16.68
N GLY A 283 19.71 -18.21 17.61
CA GLY A 283 20.11 -17.79 18.94
C GLY A 283 20.68 -16.38 19.00
N GLY A 284 20.09 -15.46 18.26
CA GLY A 284 20.55 -14.10 18.31
C GLY A 284 19.76 -13.18 17.40
N TYR A 285 19.50 -11.98 17.89
CA TYR A 285 18.94 -10.92 17.09
C TYR A 285 20.10 -10.11 16.52
N VAL A 286 19.83 -8.97 15.89
CA VAL A 286 20.87 -8.31 15.13
C VAL A 286 22.10 -7.93 15.98
N THR A 287 21.87 -7.33 17.15
CA THR A 287 22.93 -6.96 18.10
C THR A 287 23.82 -8.13 18.49
N GLU A 288 23.22 -9.32 18.61
CA GLU A 288 23.98 -10.51 18.98
C GLU A 288 24.86 -10.98 17.82
N ASN A 289 24.56 -10.48 16.62
CA ASN A 289 25.34 -10.79 15.45
C ASN A 289 26.61 -9.93 15.37
N PHE A 290 26.42 -8.61 15.49
CA PHE A 290 27.52 -7.67 15.66
C PHE A 290 28.50 -8.13 16.72
N HIS A 291 27.95 -8.74 17.77
CA HIS A 291 28.73 -9.09 18.95
C HIS A 291 29.57 -10.32 18.70
N ALA A 292 29.01 -11.28 17.98
CA ALA A 292 29.77 -12.45 17.56
C ALA A 292 30.93 -12.05 16.63
N LEU A 293 30.71 -11.04 15.80
CA LEU A 293 31.78 -10.49 14.98
C LEU A 293 32.93 -9.96 15.82
N GLN A 294 32.60 -9.13 16.79
CA GLN A 294 33.58 -8.60 17.75
C GLN A 294 34.32 -9.70 18.50
N GLN A 295 33.58 -10.65 19.06
CA GLN A 295 34.20 -11.71 19.85
C GLN A 295 35.15 -12.61 19.04
N SER A 296 34.72 -13.03 17.85
CA SER A 296 35.45 -14.06 17.10
C SER A 296 36.33 -13.52 15.97
N LEU A 297 36.18 -12.22 15.65
CA LEU A 297 36.92 -11.59 14.57
C LEU A 297 37.47 -10.22 14.97
N GLY A 298 37.51 -9.94 16.27
CA GLY A 298 37.97 -8.64 16.71
C GLY A 298 37.51 -7.49 15.83
N THR A 300 36.16 -3.97 15.07
CA THR A 300 36.42 -2.74 15.82
C THR A 300 35.17 -1.88 15.88
N GLU A 301 35.14 -0.93 16.82
CA GLU A 301 34.04 0.02 16.85
C GLU A 301 33.98 0.75 15.54
N GLU A 302 35.15 0.87 14.92
CA GLU A 302 35.26 1.50 13.61
C GLU A 302 34.37 0.78 12.62
N GLN A 303 34.61 -0.52 12.47
CA GLN A 303 33.89 -1.31 11.50
C GLN A 303 32.43 -1.46 11.95
N ALA A 304 32.22 -1.37 13.26
CA ALA A 304 30.89 -1.43 13.82
C ALA A 304 30.02 -0.37 13.19
N ARG A 305 30.46 0.87 13.33
CA ARG A 305 29.70 2.02 12.85
C ARG A 305 29.49 1.92 11.36
N ARG A 306 30.50 1.37 10.68
CA ARG A 306 30.52 1.28 9.23
C ARG A 306 29.45 0.31 8.69
N LEU A 307 29.34 -0.87 9.32
CA LEU A 307 28.32 -1.85 8.94
C LEU A 307 26.92 -1.36 9.28
N ALA A 308 26.78 -0.73 10.44
CA ALA A 308 25.53 -0.10 10.83
C ALA A 308 25.11 0.93 9.79
N GLN A 309 26.05 1.70 9.28
CA GLN A 309 25.74 2.78 8.32
C GLN A 309 25.31 2.22 6.97
N ASN A 310 25.91 1.11 6.56
CA ASN A 310 25.56 0.49 5.29
C ASN A 310 24.10 0.04 5.32
N SER A 311 23.70 -0.59 6.43
CA SER A 311 22.30 -0.96 6.59
C SER A 311 21.36 0.24 6.46
N LEU A 312 21.76 1.43 6.90
CA LEU A 312 20.95 2.62 6.58
C LEU A 312 21.01 2.99 5.09
N ASP A 313 22.21 3.13 4.55
CA ASP A 313 22.38 3.45 3.15
C ASP A 313 21.60 2.51 2.21
N ALA A 314 21.57 1.21 2.55
CA ALA A 314 21.02 0.19 1.65
C ALA A 314 19.51 0.01 1.73
N ARG A 315 18.85 0.77 2.61
CA ARG A 315 17.40 0.74 2.73
C ARG A 315 16.74 0.98 1.37
N LEU A 316 15.62 0.31 1.09
CA LEU A 316 14.89 0.57 -0.16
C LEU A 316 13.90 1.74 -0.07
N TYR B 4 -10.53 26.39 -25.47
CA TYR B 4 -10.75 25.02 -25.02
C TYR B 4 -9.47 24.23 -25.08
N GLU B 5 -8.87 24.19 -26.27
CA GLU B 5 -7.61 23.47 -26.44
C GLU B 5 -6.50 23.96 -25.50
N TRP B 6 -6.56 25.24 -25.16
CA TRP B 6 -5.56 25.85 -24.30
C TRP B 6 -5.86 25.39 -22.88
N LEU B 7 -7.13 25.28 -22.54
CA LEU B 7 -7.51 24.87 -21.21
C LEU B 7 -7.10 23.43 -21.02
N ASN B 8 -7.28 22.65 -22.08
CA ASN B 8 -7.00 21.23 -22.09
C ASN B 8 -5.52 20.92 -22.06
N ALA B 9 -4.68 21.90 -22.42
CA ALA B 9 -3.25 21.65 -22.49
C ALA B 9 -2.62 21.90 -21.14
N LEU B 10 -3.37 22.62 -20.31
CA LEU B 10 -3.00 22.92 -18.93
C LEU B 10 -2.77 21.63 -18.12
N PRO B 11 -1.56 21.42 -17.60
CA PRO B 11 -1.41 20.23 -16.75
C PRO B 11 -2.26 20.39 -15.49
N LYS B 12 -3.00 19.34 -15.13
CA LYS B 12 -3.94 19.39 -14.02
C LYS B 12 -3.84 18.17 -13.09
N ALA B 13 -4.26 18.35 -11.84
CA ALA B 13 -4.50 17.24 -10.92
C ALA B 13 -5.99 17.14 -10.70
N GLU B 14 -6.52 15.92 -10.66
CA GLU B 14 -7.93 15.76 -10.30
C GLU B 14 -8.10 15.15 -8.92
N LEU B 15 -8.58 15.97 -7.99
CA LEU B 15 -8.64 15.64 -6.55
C LEU B 15 -10.06 15.42 -6.02
N HIS B 16 -11.04 15.48 -6.92
CA HIS B 16 -12.41 15.27 -6.53
C HIS B 16 -13.19 14.63 -7.68
N LEU B 17 -13.16 13.31 -7.72
CA LEU B 17 -13.74 12.55 -8.80
C LEU B 17 -14.14 11.16 -8.26
N HIS B 18 -15.42 10.83 -8.43
CA HIS B 18 -15.90 9.53 -8.03
C HIS B 18 -15.77 8.63 -9.23
N LEU B 19 -15.09 7.50 -9.04
CA LEU B 19 -14.93 6.54 -10.12
C LEU B 19 -16.30 6.02 -10.54
N GLU B 20 -17.22 5.85 -9.57
CA GLU B 20 -18.58 5.38 -9.88
C GLU B 20 -19.36 6.37 -10.76
N GLY B 21 -18.94 7.64 -10.71
CA GLY B 21 -19.58 8.72 -11.44
C GLY B 21 -18.96 8.91 -12.80
N THR B 22 -18.03 8.03 -13.16
CA THR B 22 -17.45 8.06 -14.49
C THR B 22 -18.03 6.96 -15.39
N LEU B 23 -19.02 6.25 -14.88
CA LEU B 23 -19.73 5.21 -15.64
C LEU B 23 -20.57 5.77 -16.79
N GLU B 24 -19.95 5.93 -17.96
CA GLU B 24 -20.65 6.36 -19.16
C GLU B 24 -21.77 5.38 -19.47
N PRO B 25 -22.92 5.89 -19.95
CA PRO B 25 -24.08 5.03 -20.23
C PRO B 25 -23.70 3.85 -21.10
N GLU B 26 -22.81 4.07 -22.07
CA GLU B 26 -22.41 3.02 -23.00
C GLU B 26 -21.62 1.94 -22.32
N LEU B 27 -20.81 2.30 -21.34
CA LEU B 27 -20.10 1.27 -20.60
C LEU B 27 -21.09 0.55 -19.69
N LEU B 28 -22.08 1.27 -19.19
CA LEU B 28 -23.13 0.64 -18.39
C LEU B 28 -23.86 -0.44 -19.20
N PHE B 29 -24.21 -0.14 -20.43
CA PHE B 29 -24.95 -1.05 -21.28
C PHE B 29 -24.06 -2.24 -21.71
N ALA B 30 -22.83 -1.93 -22.06
CA ALA B 30 -21.84 -2.95 -22.37
C ALA B 30 -21.62 -3.92 -21.20
N LEU B 31 -21.45 -3.37 -20.00
CA LEU B 31 -21.23 -4.19 -18.83
C LEU B 31 -22.49 -4.95 -18.47
N ALA B 32 -23.63 -4.30 -18.64
CA ALA B 32 -24.89 -4.97 -18.34
C ALA B 32 -24.96 -6.19 -19.22
N GLU B 33 -24.63 -6.02 -20.50
CA GLU B 33 -24.68 -7.11 -21.44
C GLU B 33 -23.69 -8.24 -21.11
N ARG B 34 -22.47 -7.88 -20.79
CA ARG B 34 -21.49 -8.87 -20.38
C ARG B 34 -21.96 -9.68 -19.16
N ASN B 35 -22.61 -9.01 -18.21
CA ASN B 35 -23.09 -9.65 -16.98
C ASN B 35 -24.53 -10.21 -17.10
N ARG B 36 -25.13 -10.10 -18.28
CA ARG B 36 -26.48 -10.65 -18.52
C ARG B 36 -27.58 -10.04 -17.62
N ILE B 37 -27.39 -8.78 -17.23
CA ILE B 37 -28.39 -8.02 -16.50
C ILE B 37 -29.43 -7.38 -17.45
N ALA B 38 -30.70 -7.68 -17.23
CA ALA B 38 -31.78 -6.98 -17.91
C ALA B 38 -31.99 -5.59 -17.28
N LEU B 39 -31.55 -4.53 -17.95
CA LEU B 39 -31.68 -3.19 -17.41
C LEU B 39 -33.10 -2.62 -17.40
N PRO B 40 -33.35 -1.68 -16.46
CA PRO B 40 -34.57 -0.86 -16.31
C PRO B 40 -34.74 0.14 -17.44
N TRP B 41 -33.71 0.37 -18.25
CA TRP B 41 -33.82 1.33 -19.34
C TRP B 41 -33.86 0.65 -20.69
N ASN B 42 -34.87 1.00 -21.46
CA ASN B 42 -35.01 0.55 -22.84
C ASN B 42 -33.68 0.60 -23.62
N ASP B 43 -33.14 1.79 -23.82
CA ASP B 43 -31.88 1.96 -24.55
C ASP B 43 -31.01 3.03 -23.90
N VAL B 44 -29.83 3.29 -24.47
CA VAL B 44 -28.92 4.26 -23.87
C VAL B 44 -29.41 5.69 -24.07
N GLU B 45 -30.20 5.91 -25.11
CA GLU B 45 -30.80 7.22 -25.33
C GLU B 45 -31.67 7.52 -24.14
N THR B 46 -32.42 6.50 -23.73
CA THR B 46 -33.38 6.60 -22.64
C THR B 46 -32.70 6.85 -21.31
N LEU B 47 -31.60 6.14 -21.07
CA LEU B 47 -30.83 6.32 -19.85
C LEU B 47 -30.35 7.78 -19.76
N ARG B 48 -29.78 8.32 -20.84
CA ARG B 48 -29.19 9.66 -20.81
C ARG B 48 -30.25 10.78 -20.63
N LYS B 49 -31.48 10.50 -21.01
CA LYS B 49 -32.58 11.39 -20.70
C LYS B 49 -32.88 11.41 -19.20
N ALA B 50 -32.41 10.40 -18.47
CA ALA B 50 -32.57 10.44 -17.01
C ALA B 50 -31.54 11.33 -16.32
N TYR B 51 -30.56 11.85 -17.08
CA TYR B 51 -29.49 12.65 -16.50
C TYR B 51 -29.88 14.11 -16.26
N ALA B 52 -31.02 14.31 -15.60
CA ALA B 52 -31.44 15.63 -15.22
C ALA B 52 -31.89 15.57 -13.76
N PHE B 53 -31.45 16.54 -12.96
CA PHE B 53 -31.47 16.39 -11.50
C PHE B 53 -31.98 17.61 -10.78
N ASN B 54 -32.95 17.40 -9.90
CA ASN B 54 -33.54 18.46 -9.10
C ASN B 54 -32.71 18.76 -7.83
N ASN B 55 -31.99 17.75 -7.35
CA ASN B 55 -31.06 17.88 -6.21
C ASN B 55 -30.12 16.67 -6.13
N LEU B 56 -29.19 16.70 -5.18
CA LEU B 56 -28.28 15.59 -4.93
C LEU B 56 -29.01 14.27 -4.88
N GLN B 57 -30.06 14.21 -4.06
CA GLN B 57 -30.76 12.94 -3.82
C GLN B 57 -31.21 12.30 -5.12
N GLU B 58 -31.75 13.12 -6.01
CA GLU B 58 -32.25 12.60 -7.26
C GLU B 58 -31.13 11.99 -8.12
N PHE B 59 -29.97 12.66 -8.15
CA PHE B 59 -28.78 12.13 -8.78
C PHE B 59 -28.31 10.83 -8.10
N LEU B 60 -28.19 10.87 -6.77
CA LEU B 60 -27.73 9.70 -6.01
C LEU B 60 -28.60 8.47 -6.33
N ASP B 61 -29.89 8.67 -6.48
CA ASP B 61 -30.76 7.55 -6.76
C ASP B 61 -30.35 6.83 -8.04
N LEU B 62 -30.13 7.61 -9.09
CA LEU B 62 -29.72 7.09 -10.40
C LEU B 62 -28.32 6.49 -10.33
N TYR B 63 -27.48 7.19 -9.58
CA TYR B 63 -26.05 6.92 -9.51
C TYR B 63 -25.80 5.55 -8.90
N TYR B 64 -26.60 5.17 -7.90
CA TYR B 64 -26.44 3.90 -7.18
C TYR B 64 -27.01 2.72 -7.98
N ALA B 65 -28.18 2.95 -8.56
CA ALA B 65 -28.79 2.00 -9.48
C ALA B 65 -27.82 1.59 -10.58
N GLY B 66 -26.92 2.49 -10.95
CA GLY B 66 -25.97 2.23 -12.01
C GLY B 66 -24.95 1.22 -11.58
N ALA B 67 -24.54 1.32 -10.31
CA ALA B 67 -23.55 0.43 -9.74
C ALA B 67 -23.89 -1.07 -9.88
N ASP B 68 -25.17 -1.38 -10.03
CA ASP B 68 -25.60 -2.76 -10.26
C ASP B 68 -24.74 -3.49 -11.30
N VAL B 69 -24.32 -2.79 -12.35
CA VAL B 69 -23.56 -3.42 -13.42
C VAL B 69 -22.13 -3.74 -12.99
N LEU B 70 -21.68 -3.15 -11.89
CA LEU B 70 -20.28 -3.37 -11.53
C LEU B 70 -20.17 -4.57 -10.61
N ARG B 71 -19.81 -5.71 -11.21
CA ARG B 71 -19.81 -6.95 -10.49
C ARG B 71 -18.48 -7.74 -10.46
N THR B 72 -17.74 -7.75 -11.57
CA THR B 72 -16.48 -8.53 -11.63
C THR B 72 -15.26 -7.62 -11.54
N GLU B 73 -14.10 -8.18 -11.19
CA GLU B 73 -12.84 -7.44 -11.23
C GLU B 73 -12.63 -6.71 -12.53
N GLN B 74 -12.92 -7.38 -13.66
CA GLN B 74 -12.76 -6.72 -14.96
C GLN B 74 -13.67 -5.49 -15.11
N ASP B 75 -14.93 -5.61 -14.65
CA ASP B 75 -15.83 -4.47 -14.53
C ASP B 75 -15.14 -3.27 -13.85
N PHE B 76 -14.57 -3.48 -12.68
CA PHE B 76 -13.89 -2.40 -12.01
C PHE B 76 -12.65 -1.88 -12.76
N TYR B 77 -11.94 -2.78 -13.42
CA TYR B 77 -10.85 -2.40 -14.30
C TYR B 77 -11.27 -1.51 -15.46
N ASP B 78 -12.27 -1.96 -16.22
CA ASP B 78 -12.75 -1.25 -17.43
C ASP B 78 -13.22 0.16 -17.06
N LEU B 79 -13.95 0.27 -15.96
CA LEU B 79 -14.44 1.55 -15.49
C LEU B 79 -13.27 2.51 -15.23
N THR B 80 -12.35 2.09 -14.37
CA THR B 80 -11.20 2.90 -13.93
C THR B 80 -10.27 3.24 -15.09
N TRP B 81 -9.99 2.24 -15.93
CA TRP B 81 -9.17 2.41 -17.12
C TRP B 81 -9.79 3.42 -18.13
N ALA B 82 -11.09 3.34 -18.34
CA ALA B 82 -11.72 4.34 -19.18
C ALA B 82 -11.50 5.78 -18.65
N TYR B 83 -11.70 5.98 -17.36
CA TYR B 83 -11.46 7.29 -16.72
C TYR B 83 -10.03 7.80 -16.89
N LEU B 84 -9.06 6.90 -16.78
CA LEU B 84 -7.66 7.26 -16.95
C LEU B 84 -7.35 7.66 -18.40
N GLN B 85 -7.98 7.02 -19.36
CA GLN B 85 -7.73 7.39 -20.75
C GLN B 85 -8.24 8.80 -21.02
N LYS B 86 -9.34 9.15 -20.33
CA LYS B 86 -9.89 10.49 -20.32
C LYS B 86 -8.97 11.52 -19.66
N CYS B 87 -8.20 11.11 -18.66
CA CYS B 87 -7.28 12.04 -18.02
C CYS B 87 -6.09 12.29 -18.93
N LYS B 88 -5.61 11.22 -19.56
CA LYS B 88 -4.57 11.35 -20.55
C LYS B 88 -4.93 12.37 -21.64
N ALA B 89 -6.17 12.33 -22.10
CA ALA B 89 -6.62 13.22 -23.17
C ALA B 89 -6.76 14.65 -22.68
N GLN B 90 -6.93 14.84 -21.38
CA GLN B 90 -7.08 16.20 -20.85
C GLN B 90 -5.92 16.69 -19.99
N ASN B 91 -4.78 15.99 -20.07
CA ASN B 91 -3.58 16.37 -19.34
C ASN B 91 -3.71 16.41 -17.81
N VAL B 92 -4.70 15.69 -17.30
CA VAL B 92 -4.67 15.31 -15.91
C VAL B 92 -3.47 14.37 -15.73
N VAL B 93 -2.45 14.80 -14.98
CA VAL B 93 -1.22 14.05 -14.81
C VAL B 93 -1.22 13.35 -13.47
N HIS B 94 -2.09 13.82 -12.58
CA HIS B 94 -2.23 13.25 -11.26
C HIS B 94 -3.73 12.99 -10.97
N VAL B 95 -4.05 11.84 -10.38
CA VAL B 95 -5.43 11.55 -9.95
C VAL B 95 -5.50 11.11 -8.46
N GLU B 96 -6.45 11.66 -7.71
CA GLU B 96 -6.69 11.20 -6.34
C GLU B 96 -8.18 10.91 -6.10
N PRO B 97 -8.73 9.93 -6.84
CA PRO B 97 -10.15 9.60 -6.95
C PRO B 97 -10.73 8.79 -5.80
N PHE B 98 -12.05 8.91 -5.67
CA PHE B 98 -12.84 8.22 -4.65
C PHE B 98 -13.41 6.94 -5.21
N PHE B 99 -13.62 5.96 -4.34
CA PHE B 99 -14.55 4.87 -4.62
C PHE B 99 -15.43 4.65 -3.37
N ASP B 100 -16.59 4.03 -3.54
CA ASP B 100 -17.56 3.81 -2.47
C ASP B 100 -17.65 2.32 -2.25
N PRO B 101 -16.74 1.74 -1.48
CA PRO B 101 -16.74 0.28 -1.36
C PRO B 101 -18.10 -0.31 -0.91
N GLN B 102 -18.80 0.36 -0.01
CA GLN B 102 -20.00 -0.22 0.56
C GLN B 102 -21.04 -0.39 -0.52
N THR B 103 -21.01 0.50 -1.49
CA THR B 103 -21.95 0.46 -2.60
C THR B 103 -21.85 -0.89 -3.29
N HIS B 104 -20.63 -1.43 -3.30
CA HIS B 104 -20.33 -2.68 -3.95
C HIS B 104 -20.41 -3.85 -2.99
N THR B 105 -19.78 -3.73 -1.82
CA THR B 105 -19.77 -4.82 -0.85
C THR B 105 -21.18 -5.20 -0.38
N ASP B 106 -22.00 -4.20 -0.06
CA ASP B 106 -23.40 -4.40 0.31
C ASP B 106 -24.23 -5.20 -0.71
N ARG B 107 -23.76 -5.22 -1.97
CA ARG B 107 -24.44 -5.91 -3.07
C ARG B 107 -23.87 -7.31 -3.23
N GLY B 108 -22.91 -7.65 -2.39
CA GLY B 108 -22.38 -9.01 -2.38
C GLY B 108 -20.98 -9.07 -2.96
N ILE B 109 -20.52 -7.96 -3.54
CA ILE B 109 -19.25 -7.93 -4.24
C ILE B 109 -18.10 -7.91 -3.24
N PRO B 110 -17.10 -8.77 -3.46
CA PRO B 110 -16.06 -8.83 -2.41
C PRO B 110 -15.19 -7.59 -2.46
N PHE B 111 -14.82 -7.09 -1.29
CA PHE B 111 -13.98 -5.90 -1.17
C PHE B 111 -12.75 -6.00 -2.06
N GLU B 112 -12.11 -7.16 -2.06
CA GLU B 112 -10.85 -7.32 -2.77
C GLU B 112 -11.03 -7.32 -4.27
N VAL B 113 -12.18 -7.79 -4.74
CA VAL B 113 -12.46 -7.76 -6.17
C VAL B 113 -12.50 -6.31 -6.65
N VAL B 114 -13.27 -5.48 -5.95
CA VAL B 114 -13.35 -4.07 -6.30
C VAL B 114 -11.94 -3.42 -6.37
N LEU B 115 -11.11 -3.71 -5.38
CA LEU B 115 -9.79 -3.08 -5.31
C LEU B 115 -8.76 -3.72 -6.25
N ALA B 116 -8.97 -4.96 -6.64
CA ALA B 116 -8.07 -5.53 -7.64
C ALA B 116 -8.35 -4.78 -8.91
N GLY B 117 -9.61 -4.74 -9.31
CA GLY B 117 -10.02 -4.06 -10.51
C GLY B 117 -9.42 -2.67 -10.68
N ILE B 118 -9.68 -1.80 -9.70
CA ILE B 118 -9.20 -0.42 -9.68
C ILE B 118 -7.67 -0.31 -9.66
N ARG B 119 -7.06 -0.95 -8.65
CA ARG B 119 -5.60 -0.92 -8.43
C ARG B 119 -4.84 -1.32 -9.68
N ALA B 120 -5.36 -2.33 -10.36
CA ALA B 120 -4.75 -2.80 -11.59
C ALA B 120 -4.81 -1.69 -12.63
N ALA B 121 -5.97 -1.05 -12.78
CA ALA B 121 -6.08 0.03 -13.74
C ALA B 121 -5.20 1.21 -13.38
N LEU B 122 -4.93 1.42 -12.08
CA LEU B 122 -4.09 2.55 -11.66
C LEU B 122 -2.60 2.32 -12.02
N ARG B 123 -2.15 1.07 -11.96
CA ARG B 123 -0.80 0.74 -12.42
C ARG B 123 -0.57 1.02 -13.91
N ASP B 124 -1.51 0.60 -14.76
CA ASP B 124 -1.32 0.88 -16.18
C ASP B 124 -1.32 2.39 -16.36
N GLY B 125 -2.17 3.08 -15.59
CA GLY B 125 -2.22 4.54 -15.62
C GLY B 125 -0.84 5.11 -15.34
N GLU B 126 -0.25 4.68 -14.23
CA GLU B 126 1.12 5.08 -13.93
C GLU B 126 2.14 4.70 -15.02
N LYS B 127 2.22 3.40 -15.34
CA LYS B 127 3.32 2.93 -16.18
C LYS B 127 3.14 3.17 -17.69
N LEU B 128 1.89 3.08 -18.17
CA LEU B 128 1.60 3.29 -19.61
C LEU B 128 1.29 4.75 -19.93
N LEU B 129 0.72 5.48 -18.96
CA LEU B 129 0.22 6.83 -19.19
C LEU B 129 0.99 7.88 -18.45
N GLY B 130 1.77 7.46 -17.47
CA GLY B 130 2.49 8.36 -16.60
C GLY B 130 1.63 9.17 -15.65
N ILE B 131 0.40 8.72 -15.40
CA ILE B 131 -0.49 9.44 -14.48
C ILE B 131 -0.30 8.91 -13.06
N ARG B 132 0.04 9.78 -12.11
CA ARG B 132 0.16 9.30 -10.71
C ARG B 132 -1.17 9.32 -9.98
N HIS B 133 -1.24 8.59 -8.89
CA HIS B 133 -2.51 8.39 -8.21
C HIS B 133 -2.38 8.27 -6.69
N GLY B 134 -3.51 8.46 -6.02
CA GLY B 134 -3.64 8.22 -4.59
C GLY B 134 -5.08 7.89 -4.30
N LEU B 135 -5.41 6.60 -4.31
CA LEU B 135 -6.81 6.17 -4.18
C LEU B 135 -7.34 6.52 -2.79
N ILE B 136 -8.56 7.09 -2.78
CA ILE B 136 -9.24 7.52 -1.57
C ILE B 136 -10.50 6.70 -1.35
N LEU B 137 -10.60 6.09 -0.17
CA LEU B 137 -11.73 5.23 0.19
C LEU B 137 -12.81 6.07 0.82
N SER B 138 -13.99 6.10 0.20
CA SER B 138 -15.07 6.94 0.71
C SER B 138 -16.12 6.13 1.46
N PHE B 139 -16.54 6.62 2.64
CA PHE B 139 -17.65 6.03 3.40
C PHE B 139 -18.94 6.68 2.96
N LEU B 140 -20.02 5.91 2.91
CA LEU B 140 -21.37 6.42 2.63
C LEU B 140 -22.03 6.98 3.91
N ARG B 141 -22.24 8.30 3.93
CA ARG B 141 -22.65 8.97 5.16
C ARG B 141 -24.12 8.69 5.54
N HIS B 142 -24.95 8.27 4.59
CA HIS B 142 -26.36 8.00 4.90
C HIS B 142 -26.52 6.68 5.65
N LEU B 143 -25.47 5.87 5.66
CA LEU B 143 -25.45 4.64 6.44
C LEU B 143 -24.83 4.89 7.82
N SER B 144 -24.81 3.87 8.69
CA SER B 144 -24.32 4.05 10.06
C SER B 144 -22.79 4.12 10.15
N GLU B 145 -22.33 4.69 11.25
CA GLU B 145 -20.91 4.71 11.53
C GLU B 145 -20.37 3.29 11.73
N GLU B 146 -21.19 2.43 12.31
CA GLU B 146 -20.90 1.02 12.47
C GLU B 146 -20.67 0.34 11.11
N GLN B 147 -21.53 0.64 10.14
CA GLN B 147 -21.34 0.12 8.80
C GLN B 147 -20.00 0.64 8.23
N ALA B 148 -19.76 1.94 8.39
CA ALA B 148 -18.45 2.50 8.00
C ALA B 148 -17.27 1.79 8.70
N GLN B 149 -17.41 1.57 10.00
CA GLN B 149 -16.40 0.86 10.82
C GLN B 149 -16.08 -0.56 10.29
N LYS B 150 -17.09 -1.29 9.87
CA LYS B 150 -16.81 -2.60 9.32
C LYS B 150 -16.01 -2.47 8.04
N THR B 151 -16.27 -1.40 7.28
CA THR B 151 -15.57 -1.08 6.04
C THR B 151 -14.12 -0.70 6.29
N LEU B 152 -13.88 0.16 7.29
CA LEU B 152 -12.52 0.44 7.71
C LEU B 152 -11.77 -0.84 8.07
N ASP B 153 -12.50 -1.83 8.59
CA ASP B 153 -11.87 -3.06 9.01
C ASP B 153 -11.42 -3.88 7.81
N GLN B 154 -12.28 -3.99 6.81
CA GLN B 154 -11.91 -4.73 5.59
C GLN B 154 -10.67 -4.13 4.92
N ALA B 155 -10.43 -2.86 5.18
CA ALA B 155 -9.39 -2.10 4.51
C ALA B 155 -8.07 -2.05 5.29
N LEU B 156 -8.10 -2.38 6.58
CA LEU B 156 -6.88 -2.36 7.38
C LEU B 156 -5.74 -3.15 6.73
N PRO B 157 -6.00 -4.41 6.33
CA PRO B 157 -4.97 -5.15 5.60
C PRO B 157 -4.59 -4.45 4.31
N PHE B 158 -5.51 -3.68 3.73
CA PHE B 158 -5.25 -2.96 2.47
C PHE B 158 -4.80 -1.52 2.66
N ARG B 159 -4.61 -1.09 3.90
CA ARG B 159 -4.41 0.34 4.17
C ARG B 159 -3.44 1.05 3.18
N ASP B 160 -2.31 0.41 2.86
CA ASP B 160 -1.28 1.01 2.00
C ASP B 160 -1.77 1.35 0.58
N ALA B 161 -2.96 0.87 0.21
CA ALA B 161 -3.53 1.19 -1.10
C ALA B 161 -4.26 2.54 -1.06
N PHE B 162 -4.37 3.14 0.11
CA PHE B 162 -5.19 4.35 0.27
C PHE B 162 -4.39 5.47 0.86
N ILE B 163 -4.52 6.66 0.31
CA ILE B 163 -3.86 7.79 0.96
C ILE B 163 -4.74 8.32 2.08
N ALA B 164 -6.04 8.14 1.92
CA ALA B 164 -7.01 8.77 2.78
C ALA B 164 -8.37 8.06 2.77
N VAL B 165 -9.24 8.49 3.67
CA VAL B 165 -10.62 8.10 3.63
C VAL B 165 -11.37 9.40 3.43
N GLY B 166 -12.60 9.32 2.89
CA GLY B 166 -13.47 10.47 2.70
C GLY B 166 -14.92 10.14 3.05
N LEU B 167 -15.80 11.11 2.84
CA LEU B 167 -17.22 11.01 3.20
C LEU B 167 -18.11 11.56 2.08
N ASP B 168 -19.12 10.81 1.68
CA ASP B 168 -19.97 11.28 0.60
C ASP B 168 -21.37 10.70 0.76
N SER B 169 -22.20 10.86 -0.28
CA SER B 169 -23.62 10.55 -0.22
C SER B 169 -24.45 11.69 0.41
N SER B 170 -25.67 11.40 0.83
CA SER B 170 -26.60 12.45 1.30
C SER B 170 -26.06 13.27 2.47
N GLU B 171 -25.88 14.57 2.23
CA GLU B 171 -25.20 15.40 3.22
C GLU B 171 -26.10 15.93 4.37
N VAL B 172 -27.18 16.62 4.01
CA VAL B 172 -27.99 17.22 5.08
C VAL B 172 -28.60 16.09 5.90
N GLY B 173 -28.67 16.26 7.21
CA GLY B 173 -29.09 15.18 8.08
C GLY B 173 -27.98 14.24 8.56
N HIS B 174 -26.89 14.14 7.80
CA HIS B 174 -25.74 13.28 8.21
C HIS B 174 -24.46 14.09 8.36
N PRO B 175 -24.32 14.76 9.51
CA PRO B 175 -23.20 15.67 9.75
C PRO B 175 -21.92 14.87 9.92
N PRO B 176 -20.77 15.50 9.64
CA PRO B 176 -19.45 14.87 9.79
C PRO B 176 -19.18 14.27 11.18
N SER B 177 -19.80 14.80 12.23
CA SER B 177 -19.57 14.34 13.61
C SER B 177 -20.17 12.97 13.81
N LYS B 178 -21.04 12.58 12.88
CA LYS B 178 -21.62 11.24 12.87
C LYS B 178 -20.52 10.17 12.63
N PHE B 179 -19.37 10.58 12.09
CA PHE B 179 -18.34 9.62 11.72
C PHE B 179 -17.01 9.91 12.38
N GLN B 180 -17.06 10.63 13.48
CA GLN B 180 -15.85 11.05 14.15
C GLN B 180 -14.94 9.90 14.62
N ARG B 181 -15.54 8.88 15.25
CA ARG B 181 -14.74 7.79 15.83
C ARG B 181 -14.11 6.98 14.72
N VAL B 182 -14.85 6.71 13.65
CA VAL B 182 -14.28 5.99 12.52
C VAL B 182 -13.11 6.79 11.92
N PHE B 183 -13.28 8.10 11.77
CA PHE B 183 -12.22 8.94 11.22
C PHE B 183 -11.02 9.01 12.16
N ASP B 184 -11.33 9.00 13.46
CA ASP B 184 -10.30 8.95 14.49
C ASP B 184 -9.54 7.65 14.38
N ARG B 185 -10.28 6.55 14.26
CA ARG B 185 -9.64 5.28 14.12
C ARG B 185 -8.79 5.26 12.86
N ALA B 186 -9.35 5.75 11.76
CA ALA B 186 -8.63 5.72 10.48
C ALA B 186 -7.36 6.57 10.52
N ARG B 187 -7.42 7.73 11.19
CA ARG B 187 -6.20 8.55 11.36
C ARG B 187 -5.19 7.83 12.24
N SER B 188 -5.70 7.13 13.23
CA SER B 188 -4.92 6.30 14.12
C SER B 188 -4.18 5.25 13.29
N GLU B 189 -4.95 4.62 12.42
CA GLU B 189 -4.46 3.53 11.60
C GLU B 189 -3.52 3.93 10.45
N GLY B 190 -3.35 5.23 10.25
CA GLY B 190 -2.38 5.71 9.29
C GLY B 190 -2.94 6.44 8.07
N PHE B 191 -4.26 6.52 7.94
CA PHE B 191 -4.92 7.21 6.85
C PHE B 191 -4.96 8.73 7.05
N LEU B 192 -4.85 9.48 5.98
CA LEU B 192 -5.21 10.90 6.01
C LEU B 192 -6.73 10.96 5.84
N THR B 193 -7.31 12.14 5.97
CA THR B 193 -8.75 12.25 5.78
C THR B 193 -9.14 13.42 4.89
N VAL B 194 -10.30 13.29 4.26
CA VAL B 194 -10.94 14.35 3.47
C VAL B 194 -12.46 14.19 3.64
N ALA B 195 -13.22 15.23 3.33
CA ALA B 195 -14.67 15.06 3.33
C ALA B 195 -15.44 16.05 2.44
N HIS B 196 -16.63 15.62 2.04
CA HIS B 196 -17.61 16.46 1.39
C HIS B 196 -18.26 17.25 2.52
N ALA B 197 -18.16 18.57 2.43
CA ALA B 197 -18.84 19.46 3.36
C ALA B 197 -19.18 20.75 2.63
N GLY B 198 -20.42 21.20 2.72
CA GLY B 198 -20.71 22.53 2.21
C GLY B 198 -21.30 22.49 0.83
N GLU B 199 -21.72 21.30 0.42
CA GLU B 199 -22.41 21.12 -0.85
C GLU B 199 -23.87 21.52 -0.67
N GLU B 200 -24.66 20.67 -0.02
CA GLU B 200 -25.98 21.06 0.43
C GLU B 200 -25.96 21.30 1.96
N GLY B 201 -24.79 21.11 2.58
CA GLY B 201 -24.68 21.23 4.03
C GLY B 201 -24.37 22.64 4.50
N PRO B 202 -24.75 22.95 5.75
CA PRO B 202 -24.48 24.29 6.28
C PRO B 202 -22.98 24.43 6.57
N PRO B 203 -22.50 25.67 6.75
CA PRO B 203 -21.09 25.90 7.05
C PRO B 203 -20.67 25.18 8.36
N GLU B 204 -21.65 24.90 9.20
CA GLU B 204 -21.37 24.23 10.46
C GLU B 204 -20.77 22.84 10.22
N TYR B 205 -21.15 22.25 9.09
CA TYR B 205 -20.64 20.95 8.72
C TYR B 205 -19.21 21.08 8.27
N ILE B 206 -18.87 22.23 7.67
CA ILE B 206 -17.52 22.43 7.21
C ILE B 206 -16.64 22.55 8.43
N TRP B 207 -17.11 23.32 9.41
CA TRP B 207 -16.43 23.43 10.69
C TRP B 207 -16.15 22.04 11.28
N GLU B 208 -17.15 21.17 11.29
CA GLU B 208 -16.99 19.85 11.85
C GLU B 208 -15.91 19.06 11.10
N ALA B 209 -15.98 19.12 9.78
CA ALA B 209 -15.07 18.38 8.94
C ALA B 209 -13.63 18.81 9.16
N LEU B 210 -13.42 20.10 9.45
CA LEU B 210 -12.08 20.54 9.79
C LEU B 210 -11.69 20.11 11.19
N ASP B 211 -12.64 20.25 12.10
CA ASP B 211 -12.32 20.16 13.52
C ASP B 211 -12.47 18.78 14.13
N LEU B 212 -13.58 18.09 13.80
CA LEU B 212 -13.78 16.72 14.27
C LEU B 212 -13.13 15.68 13.33
N LEU B 213 -13.30 15.84 12.01
CA LEU B 213 -12.71 14.91 11.05
C LEU B 213 -11.24 15.22 10.72
N LYS B 214 -10.84 16.47 10.95
CA LYS B 214 -9.45 16.90 10.86
C LYS B 214 -8.85 16.68 9.49
N VAL B 215 -9.58 17.14 8.47
CA VAL B 215 -9.29 16.81 7.07
C VAL B 215 -8.14 17.61 6.48
N GLU B 216 -7.48 17.07 5.47
CA GLU B 216 -6.40 17.78 4.78
C GLU B 216 -7.00 18.79 3.83
N ARG B 217 -8.18 18.46 3.30
CA ARG B 217 -8.92 19.35 2.43
C ARG B 217 -10.43 19.13 2.53
N ILE B 218 -11.19 20.04 1.93
CA ILE B 218 -12.65 20.04 1.95
C ILE B 218 -13.17 19.82 0.55
N ASP B 219 -14.20 18.97 0.42
CA ASP B 219 -14.76 18.60 -0.87
C ASP B 219 -16.09 19.34 -1.12
N HIS B 220 -16.11 20.12 -2.21
CA HIS B 220 -17.12 21.14 -2.49
C HIS B 220 -16.82 22.39 -1.64
N GLY B 221 -17.54 22.55 -0.54
CA GLY B 221 -17.25 23.64 0.37
C GLY B 221 -17.80 25.00 -0.02
N VAL B 222 -18.52 25.06 -1.13
CA VAL B 222 -19.04 26.31 -1.65
C VAL B 222 -19.84 27.12 -0.63
N ARG B 223 -20.47 26.45 0.32
CA ARG B 223 -21.28 27.13 1.34
C ARG B 223 -20.43 27.69 2.49
N ALA B 224 -19.12 27.73 2.27
CA ALA B 224 -18.23 28.39 3.21
C ALA B 224 -18.34 29.89 3.05
N PHE B 225 -18.92 30.29 1.93
CA PHE B 225 -18.81 31.66 1.47
C PHE B 225 -19.61 32.56 2.39
N GLU B 226 -20.73 32.03 2.84
CA GLU B 226 -21.58 32.65 3.84
C GLU B 226 -20.85 33.09 5.12
N ASP B 227 -19.86 32.29 5.53
CA ASP B 227 -19.32 32.40 6.87
C ASP B 227 -17.92 33.02 6.86
N GLU B 228 -17.86 34.26 7.34
CA GLU B 228 -16.65 35.07 7.33
C GLU B 228 -15.51 34.55 8.18
N ARG B 229 -15.78 34.18 9.43
CA ARG B 229 -14.71 33.66 10.29
C ARG B 229 -14.13 32.44 9.62
N LEU B 230 -15.01 31.53 9.20
CA LEU B 230 -14.61 30.29 8.50
C LEU B 230 -13.76 30.62 7.28
N ARG B 232 -11.97 33.10 6.64
CA ARG B 232 -10.63 33.56 7.01
C ARG B 232 -9.71 32.39 7.26
N ARG B 233 -10.19 31.44 8.04
CA ARG B 233 -9.37 30.30 8.42
C ARG B 233 -8.91 29.54 7.18
N LEU B 234 -9.87 29.26 6.30
CA LEU B 234 -9.65 28.62 5.00
C LEU B 234 -8.46 29.24 4.27
N ILE B 235 -8.48 30.57 4.18
CA ILE B 235 -7.42 31.35 3.55
C ILE B 235 -6.11 31.35 4.34
N ASP B 236 -6.20 31.68 5.62
CA ASP B 236 -5.01 31.79 6.44
C ASP B 236 -4.26 30.46 6.42
N GLU B 237 -5.03 29.36 6.40
CA GLU B 237 -4.46 28.01 6.50
C GLU B 237 -4.20 27.41 5.13
N GLN B 238 -4.66 28.10 4.10
CA GLN B 238 -4.54 27.65 2.73
C GLN B 238 -5.02 26.20 2.59
N ILE B 239 -6.18 25.93 3.16
CA ILE B 239 -6.79 24.61 3.11
C ILE B 239 -7.50 24.43 1.78
N PRO B 240 -7.07 23.44 0.99
CA PRO B 240 -7.62 23.34 -0.37
C PRO B 240 -9.11 23.02 -0.40
N LEU B 241 -9.88 23.67 -1.28
CA LEU B 241 -11.24 23.24 -1.58
C LEU B 241 -11.27 22.60 -2.97
N THR B 242 -11.80 21.38 -3.06
CA THR B 242 -12.04 20.74 -4.36
C THR B 242 -13.42 21.11 -4.87
N VAL B 243 -13.46 22.10 -5.75
CA VAL B 243 -14.72 22.64 -6.23
C VAL B 243 -15.14 21.98 -7.55
N CYS B 244 -16.44 21.85 -7.74
CA CYS B 244 -17.04 21.10 -8.85
C CYS B 244 -18.17 21.87 -9.53
N PRO B 245 -17.80 22.70 -10.51
CA PRO B 245 -18.70 23.60 -11.26
C PRO B 245 -19.91 22.92 -11.96
N LEU B 246 -19.70 21.94 -12.85
CA LEU B 246 -20.86 21.31 -13.50
C LEU B 246 -21.77 20.56 -12.50
N SER B 247 -21.16 19.93 -11.49
CA SER B 247 -21.92 19.32 -10.42
C SER B 247 -22.78 20.34 -9.68
N ASN B 248 -22.17 21.37 -9.09
CA ASN B 248 -22.96 22.38 -8.37
C ASN B 248 -24.18 22.87 -9.17
N THR B 249 -23.93 23.09 -10.46
CA THR B 249 -24.93 23.49 -11.42
C THR B 249 -25.94 22.40 -11.76
N LYS B 250 -25.46 21.20 -12.03
CA LYS B 250 -26.36 20.10 -12.35
C LYS B 250 -27.23 19.67 -11.16
N LEU B 251 -26.78 20.01 -9.95
CA LEU B 251 -27.47 19.58 -8.74
C LEU B 251 -28.23 20.72 -8.09
N CYS B 252 -28.07 21.90 -8.66
CA CYS B 252 -28.95 23.02 -8.35
C CYS B 252 -28.50 23.67 -7.06
N VAL B 253 -27.23 23.46 -6.74
CA VAL B 253 -26.57 24.17 -5.67
C VAL B 253 -26.48 25.65 -6.09
N PHE B 254 -26.35 25.88 -7.40
CA PHE B 254 -26.45 27.20 -7.99
C PHE B 254 -27.51 27.13 -9.07
N ASP B 255 -28.21 28.25 -9.31
CA ASP B 255 -29.28 28.26 -10.31
C ASP B 255 -28.70 28.40 -11.72
N ASP B 256 -27.44 28.78 -11.80
CA ASP B 256 -26.85 29.09 -13.10
C ASP B 256 -25.33 29.23 -12.92
N SER B 258 -23.42 31.41 -13.89
CA SER B 258 -23.12 32.81 -13.58
C SER B 258 -23.13 33.08 -12.09
N GLN B 259 -23.79 32.21 -11.33
CA GLN B 259 -23.92 32.41 -9.89
C GLN B 259 -22.81 31.72 -9.10
N HIS B 260 -22.03 30.85 -9.74
CA HIS B 260 -20.98 30.13 -9.04
C HIS B 260 -19.94 31.08 -8.46
N THR B 261 -19.49 30.78 -7.25
CA THR B 261 -18.58 31.67 -6.52
C THR B 261 -17.14 31.20 -6.49
N ILE B 262 -16.75 30.32 -7.42
CA ILE B 262 -15.39 29.77 -7.45
C ILE B 262 -14.33 30.83 -7.72
N LEU B 263 -14.61 31.73 -8.65
CA LEU B 263 -13.68 32.83 -8.95
C LEU B 263 -13.72 33.92 -7.87
N ASP B 264 -14.92 34.22 -7.35
CA ASP B 264 -15.02 35.05 -6.14
C ASP B 264 -14.04 34.54 -5.06
N LEU B 266 -11.42 32.27 -5.40
CA LEU B 266 -10.04 32.31 -5.86
C LEU B 266 -9.45 33.69 -5.58
N GLU B 267 -10.22 34.72 -5.93
CA GLU B 267 -9.79 36.12 -5.82
C GLU B 267 -9.61 36.56 -4.40
N ARG B 268 -10.21 35.84 -3.46
CA ARG B 268 -10.03 36.19 -2.04
C ARG B 268 -8.93 35.37 -1.40
N GLY B 269 -8.31 34.48 -2.16
CA GLY B 269 -7.19 33.72 -1.65
C GLY B 269 -7.53 32.34 -1.10
N VAL B 270 -8.71 31.84 -1.42
CA VAL B 270 -8.98 30.44 -1.07
C VAL B 270 -8.27 29.50 -2.05
N LYS B 271 -7.76 28.39 -1.54
CA LYS B 271 -7.09 27.45 -2.40
C LYS B 271 -8.10 26.56 -3.11
N VAL B 272 -8.91 27.18 -3.95
CA VAL B 272 -9.92 26.44 -4.70
C VAL B 272 -9.30 25.69 -5.89
N THR B 273 -9.97 24.63 -6.33
CA THR B 273 -9.48 23.81 -7.44
C THR B 273 -10.66 23.30 -8.27
N VAL B 274 -10.46 23.10 -9.57
CA VAL B 274 -11.53 22.66 -10.47
C VAL B 274 -11.57 21.14 -10.64
N ASN B 275 -12.76 20.53 -10.55
CA ASN B 275 -12.92 19.08 -10.68
C ASN B 275 -14.26 18.70 -11.30
N SER B 276 -14.28 17.54 -11.97
CA SER B 276 -15.49 17.05 -12.62
C SER B 276 -16.47 16.29 -11.70
N ASP B 277 -16.00 15.80 -10.55
CA ASP B 277 -16.92 15.18 -9.57
C ASP B 277 -17.57 13.84 -9.95
N ASP B 278 -18.50 13.87 -10.88
CA ASP B 278 -19.20 12.69 -11.39
C ASP B 278 -19.53 12.95 -12.85
N PRO B 279 -18.46 13.01 -13.65
CA PRO B 279 -18.51 13.47 -15.04
C PRO B 279 -19.61 12.81 -15.83
N ALA B 280 -19.50 11.51 -16.07
CA ALA B 280 -20.50 10.84 -16.91
C ALA B 280 -21.91 11.34 -16.57
N TYR B 281 -22.07 11.90 -15.38
CA TYR B 281 -23.38 12.24 -14.87
C TYR B 281 -23.76 13.68 -15.09
N PHE B 282 -22.76 14.54 -15.16
CA PHE B 282 -22.96 15.97 -15.23
C PHE B 282 -22.49 16.54 -16.57
N GLY B 283 -22.18 15.69 -17.55
CA GLY B 283 -21.89 16.14 -18.90
C GLY B 283 -20.56 16.84 -19.12
N GLY B 284 -19.55 16.47 -18.35
CA GLY B 284 -18.23 17.02 -18.60
C GLY B 284 -17.15 16.43 -17.72
N TYR B 285 -15.94 16.40 -18.29
CA TYR B 285 -14.75 16.05 -17.53
C TYR B 285 -14.03 17.33 -17.12
N VAL B 286 -12.88 17.20 -16.50
CA VAL B 286 -12.22 18.34 -15.85
C VAL B 286 -12.07 19.58 -16.76
N THR B 287 -11.53 19.40 -17.96
CA THR B 287 -11.45 20.47 -18.96
C THR B 287 -12.78 21.20 -19.21
N GLU B 288 -13.86 20.43 -19.30
CA GLU B 288 -15.18 21.00 -19.56
C GLU B 288 -15.50 21.96 -18.44
N ASN B 289 -15.26 21.52 -17.22
CA ASN B 289 -15.49 22.35 -16.04
C ASN B 289 -14.75 23.71 -16.13
N PHE B 290 -13.46 23.70 -16.46
CA PHE B 290 -12.74 24.94 -16.71
C PHE B 290 -13.44 25.81 -17.75
N HIS B 291 -13.80 25.19 -18.86
CA HIS B 291 -14.41 25.88 -19.97
C HIS B 291 -15.74 26.51 -19.59
N ALA B 292 -16.51 25.78 -18.81
CA ALA B 292 -17.75 26.35 -18.27
C ALA B 292 -17.45 27.62 -17.47
N LEU B 293 -16.28 27.67 -16.85
CA LEU B 293 -15.86 28.82 -16.06
C LEU B 293 -15.49 29.96 -16.98
N GLN B 294 -14.77 29.64 -18.04
CA GLN B 294 -14.42 30.65 -19.04
C GLN B 294 -15.68 31.21 -19.69
N GLN B 295 -16.56 30.31 -20.12
CA GLN B 295 -17.72 30.71 -20.91
C GLN B 295 -18.73 31.53 -20.13
N SER B 296 -18.95 31.19 -18.86
CA SER B 296 -20.05 31.80 -18.12
C SER B 296 -19.65 32.85 -17.07
N LEU B 297 -18.50 32.68 -16.44
CA LEU B 297 -18.01 33.65 -15.46
C LEU B 297 -16.83 34.43 -16.01
N GLY B 298 -16.57 34.28 -17.30
CA GLY B 298 -15.52 35.01 -17.97
C GLY B 298 -14.15 34.91 -17.32
N THR B 300 -10.30 34.47 -16.61
CA THR B 300 -9.12 34.85 -17.42
C THR B 300 -8.17 33.67 -17.66
N GLU B 301 -7.20 33.87 -18.55
CA GLU B 301 -6.19 32.85 -18.77
C GLU B 301 -5.41 32.67 -17.48
N GLU B 302 -5.36 33.75 -16.70
CA GLU B 302 -4.52 33.80 -15.51
C GLU B 302 -5.15 33.14 -14.28
N GLN B 303 -6.45 33.33 -14.12
CA GLN B 303 -7.18 32.56 -13.12
C GLN B 303 -7.16 31.07 -13.45
N ALA B 304 -7.06 30.72 -14.73
CA ALA B 304 -6.97 29.31 -15.13
C ALA B 304 -5.65 28.70 -14.67
N ARG B 305 -4.54 29.40 -14.90
CA ARG B 305 -3.19 28.93 -14.52
C ARG B 305 -3.08 28.71 -13.02
N ARG B 306 -3.73 29.59 -12.27
CA ARG B 306 -3.74 29.55 -10.82
C ARG B 306 -4.56 28.35 -10.35
N LEU B 307 -5.74 28.20 -10.92
CA LEU B 307 -6.57 27.03 -10.62
C LEU B 307 -5.87 25.70 -10.95
N ALA B 308 -5.33 25.57 -12.15
CA ALA B 308 -4.60 24.34 -12.46
C ALA B 308 -3.46 24.16 -11.48
N GLN B 309 -2.91 25.27 -11.01
CA GLN B 309 -1.69 25.18 -10.22
C GLN B 309 -1.99 24.84 -8.78
N ASN B 310 -3.14 25.29 -8.29
CA ASN B 310 -3.60 24.90 -6.97
C ASN B 310 -3.70 23.38 -6.93
N SER B 311 -4.27 22.80 -7.99
CA SER B 311 -4.52 21.38 -8.05
C SER B 311 -3.22 20.58 -7.92
N LEU B 312 -2.17 21.01 -8.62
CA LEU B 312 -0.83 20.46 -8.41
C LEU B 312 -0.28 20.70 -7.00
N ASP B 313 -0.48 21.90 -6.46
CA ASP B 313 0.02 22.22 -5.13
C ASP B 313 -0.66 21.39 -4.04
N ALA B 314 -1.96 21.13 -4.25
CA ALA B 314 -2.85 20.51 -3.26
C ALA B 314 -2.79 18.98 -3.24
N ARG B 315 -1.97 18.40 -4.11
CA ARG B 315 -1.71 16.96 -4.04
C ARG B 315 -1.28 16.44 -2.65
N LEU B 316 -1.95 15.37 -2.21
CA LEU B 316 -1.53 14.65 -1.00
C LEU B 316 -0.40 13.64 -1.29
N VAL B 317 -0.12 13.39 -2.56
CA VAL B 317 0.97 12.52 -2.96
C VAL B 317 1.65 13.00 -4.26
#